data_8CXK
#
_entry.id   8CXK
#
_cell.length_a   73.234
_cell.length_b   73.234
_cell.length_c   110.816
_cell.angle_alpha   90.000
_cell.angle_beta   90.000
_cell.angle_gamma   120.000
#
_symmetry.space_group_name_H-M   'P 61'
#
loop_
_entity.id
_entity.type
_entity.pdbx_description
1 polymer 'HORMA domain-containing protein'
2 water water
#
_entity_poly.entity_id   1
_entity_poly.type   'polypeptide(L)'
_entity_poly.pdbx_seq_one_letter_code
;MATKEQIVEHRESEIPIASQWKATFPVDLEIEKNSEMFALRYIKCASAFILDRRGILDEKCFKTRTIDKLLVTAFQSSVP
AAKRVSSTFDGLYDAIQQGYLREFAIVFYKKPNEEDINEVFAFRFAYGDEGEIFVSLNNGIDTNESSQELLQAKFVDTDN
TKQMFASTIKKLHRCIKKMEPLPQGSDASFRVSYTEKAPKDYTPEGYLLSPMFYTLNQDIRKASIGIVCGGHHKIQMLAA
SQYLKQDFDLDKTTTLNPNMSIMANQSKRKGRISRDSPYGLSQGITKKNKD
;
_entity_poly.pdbx_strand_id   A
#
# COMPACT_ATOMS: atom_id res chain seq x y z
N SER A 19 8.72 -20.87 -4.02
CA SER A 19 9.65 -20.05 -3.21
C SER A 19 10.48 -18.94 -3.92
N GLN A 20 10.53 -19.03 -5.20
CA GLN A 20 11.24 -18.08 -6.03
C GLN A 20 10.31 -16.91 -6.31
N TRP A 21 10.91 -15.79 -6.69
CA TRP A 21 10.16 -14.65 -7.13
C TRP A 21 9.01 -14.98 -8.03
N LYS A 22 9.24 -15.77 -9.07
CA LYS A 22 8.25 -15.96 -10.11
C LYS A 22 7.04 -16.73 -9.60
N ALA A 23 7.14 -17.36 -8.45
CA ALA A 23 5.96 -18.01 -7.88
C ALA A 23 4.95 -17.01 -7.36
N THR A 24 5.37 -15.80 -7.09
CA THR A 24 4.49 -14.76 -6.60
C THR A 24 4.28 -13.63 -7.60
N PHE A 25 5.35 -13.16 -8.24
CA PHE A 25 5.31 -11.97 -9.06
C PHE A 25 5.70 -12.25 -10.50
N PRO A 26 5.24 -11.42 -11.44
CA PRO A 26 5.73 -11.48 -12.82
C PRO A 26 7.22 -11.13 -12.90
N VAL A 27 7.81 -11.53 -14.01
CA VAL A 27 9.10 -11.00 -14.42
C VAL A 27 8.92 -10.18 -15.67
N ASP A 28 10.02 -9.84 -16.36
CA ASP A 28 9.90 -9.00 -17.56
C ASP A 28 9.04 -7.79 -17.24
N LEU A 29 9.43 -7.08 -16.16
CA LEU A 29 8.63 -6.00 -15.64
C LEU A 29 8.59 -4.76 -16.53
N GLU A 30 9.42 -4.67 -17.56
CA GLU A 30 9.35 -3.55 -18.49
C GLU A 30 8.08 -3.56 -19.31
N ILE A 31 7.37 -4.71 -19.38
CA ILE A 31 6.18 -4.89 -20.18
C ILE A 31 4.96 -4.43 -19.37
N GLU A 32 4.09 -3.65 -20.02
CA GLU A 32 2.98 -3.00 -19.30
C GLU A 32 2.11 -3.97 -18.52
N LYS A 33 1.69 -5.08 -19.15
CA LYS A 33 0.83 -6.01 -18.44
C LYS A 33 1.51 -6.59 -17.20
N ASN A 34 2.81 -6.88 -17.30
CA ASN A 34 3.54 -7.44 -16.17
C ASN A 34 3.72 -6.40 -15.07
N SER A 35 3.97 -5.16 -15.46
CA SER A 35 4.06 -4.05 -14.51
C SER A 35 2.75 -3.85 -13.74
N GLU A 36 1.62 -3.90 -14.45
CA GLU A 36 0.31 -3.75 -13.83
C GLU A 36 0.07 -4.85 -12.81
N MET A 37 0.31 -6.10 -13.23
CA MET A 37 0.08 -7.22 -12.33
CA MET A 37 0.08 -7.22 -12.33
C MET A 37 1.01 -7.15 -11.12
N PHE A 38 2.28 -6.78 -11.34
CA PHE A 38 3.19 -6.61 -10.24
C PHE A 38 2.67 -5.55 -9.26
N ALA A 39 2.23 -4.41 -9.78
CA ALA A 39 1.77 -3.32 -8.92
C ALA A 39 0.62 -3.75 -8.00
N LEU A 40 -0.33 -4.48 -8.56
CA LEU A 40 -1.46 -4.93 -7.73
C LEU A 40 -0.97 -5.99 -6.73
N ARG A 41 -0.21 -6.98 -7.18
CA ARG A 41 0.26 -8.03 -6.27
C ARG A 41 1.13 -7.45 -5.17
N TYR A 42 1.91 -6.41 -5.49
CA TYR A 42 2.77 -5.78 -4.49
C TYR A 42 1.96 -5.12 -3.37
N ILE A 43 0.94 -4.33 -3.73
CA ILE A 43 0.16 -3.69 -2.66
C ILE A 43 -0.59 -4.74 -1.84
N LYS A 44 -1.03 -5.85 -2.47
CA LYS A 44 -1.72 -6.90 -1.71
C LYS A 44 -0.75 -7.58 -0.76
N CYS A 45 0.45 -7.88 -1.22
CA CYS A 45 1.47 -8.50 -0.39
C CYS A 45 1.85 -7.63 0.81
N ALA A 46 2.15 -6.35 0.53
CA ALA A 46 2.54 -5.48 1.63
C ALA A 46 1.40 -5.30 2.62
N SER A 47 0.15 -5.26 2.11
CA SER A 47 -1.01 -5.11 3.00
C SER A 47 -1.11 -6.31 3.92
N ALA A 48 -0.94 -7.52 3.41
CA ALA A 48 -0.99 -8.70 4.30
C ALA A 48 0.10 -8.60 5.35
N PHE A 49 1.31 -8.17 4.95
CA PHE A 49 2.41 -8.04 5.90
C PHE A 49 2.04 -7.09 7.04
N ILE A 50 1.50 -5.94 6.69
CA ILE A 50 1.16 -4.89 7.63
C ILE A 50 0.02 -5.32 8.56
N LEU A 51 -1.08 -5.82 7.97
CA LEU A 51 -2.23 -6.21 8.75
C LEU A 51 -1.86 -7.29 9.77
N ASP A 52 -1.04 -8.26 9.35
CA ASP A 52 -0.56 -9.29 10.26
C ASP A 52 0.29 -8.71 11.38
N ARG A 53 1.30 -7.92 11.02
CA ARG A 53 2.23 -7.46 12.06
C ARG A 53 1.60 -6.50 13.02
N ARG A 54 0.63 -5.67 12.59
CA ARG A 54 -0.04 -4.70 13.47
C ARG A 54 -1.24 -5.32 14.21
N GLY A 55 -1.59 -6.56 13.91
CA GLY A 55 -2.59 -7.29 14.72
C GLY A 55 -4.01 -6.98 14.41
N ILE A 56 -4.31 -6.60 13.16
CA ILE A 56 -5.65 -6.18 12.76
C ILE A 56 -6.63 -7.35 12.66
N LEU A 57 -6.26 -8.39 12.00
CA LEU A 57 -7.14 -9.57 11.84
C LEU A 57 -6.58 -10.69 12.71
N ASP A 58 -7.35 -11.77 12.89
CA ASP A 58 -6.90 -12.93 13.63
C ASP A 58 -5.71 -13.54 12.90
N GLU A 59 -4.77 -14.13 13.63
CA GLU A 59 -3.56 -14.70 13.05
C GLU A 59 -3.84 -15.79 12.04
N LYS A 60 -4.98 -16.48 12.17
CA LYS A 60 -5.29 -17.52 11.17
C LYS A 60 -5.60 -16.95 9.80
N CYS A 61 -5.79 -15.62 9.68
CA CYS A 61 -6.02 -15.04 8.38
C CYS A 61 -4.77 -14.97 7.53
N PHE A 62 -3.59 -15.30 8.05
CA PHE A 62 -2.34 -15.10 7.33
C PHE A 62 -1.53 -16.37 7.30
N LYS A 63 -0.73 -16.48 6.28
CA LYS A 63 0.26 -17.55 6.14
C LYS A 63 1.59 -16.91 5.74
N THR A 64 2.66 -17.50 6.18
CA THR A 64 3.99 -17.05 5.82
C THR A 64 4.43 -17.81 4.60
N ARG A 65 5.03 -17.07 3.66
CA ARG A 65 5.51 -17.61 2.42
C ARG A 65 6.92 -17.06 2.24
N THR A 66 7.58 -17.56 1.24
CA THR A 66 8.95 -17.16 0.92
C THR A 66 8.98 -16.57 -0.45
N ILE A 67 9.75 -15.48 -0.52
CA ILE A 67 10.06 -14.80 -1.78
C ILE A 67 11.57 -14.62 -1.74
N ASP A 68 12.26 -15.47 -2.48
CA ASP A 68 13.71 -15.41 -2.57
C ASP A 68 14.26 -15.60 -1.16
N LYS A 69 14.97 -14.64 -0.59
CA LYS A 69 15.55 -14.81 0.74
C LYS A 69 14.69 -14.28 1.90
N LEU A 70 13.49 -13.86 1.61
CA LEU A 70 12.66 -13.14 2.55
C LEU A 70 11.43 -13.95 2.91
N LEU A 71 11.05 -13.83 4.17
CA LEU A 71 9.78 -14.39 4.66
C LEU A 71 8.76 -13.27 4.63
N VAL A 72 7.72 -13.46 3.82
CA VAL A 72 6.66 -12.46 3.68
C VAL A 72 5.35 -13.15 4.06
N THR A 73 4.28 -12.46 3.93
CA THR A 73 2.99 -12.87 4.46
C THR A 73 1.99 -12.85 3.31
N ALA A 74 1.02 -13.78 3.33
CA ALA A 74 -0.08 -13.79 2.37
C ALA A 74 -1.38 -14.03 3.10
N PHE A 75 -2.47 -13.64 2.49
CA PHE A 75 -3.80 -13.97 3.05
C PHE A 75 -4.08 -15.45 2.88
N GLN A 76 -4.75 -16.03 3.88
CA GLN A 76 -5.27 -17.40 3.84
C GLN A 76 -6.73 -17.35 3.39
N SER A 77 -6.97 -17.54 2.08
CA SER A 77 -8.33 -17.33 1.56
C SER A 77 -9.34 -18.40 1.98
N SER A 78 -8.88 -19.50 2.63
CA SER A 78 -9.84 -20.40 3.22
C SER A 78 -10.46 -19.89 4.51
N VAL A 79 -10.02 -18.74 4.99
CA VAL A 79 -10.60 -18.06 6.15
C VAL A 79 -11.50 -16.95 5.65
N PRO A 80 -12.80 -16.92 6.00
CA PRO A 80 -13.69 -15.90 5.40
C PRO A 80 -13.19 -14.47 5.54
N ALA A 81 -12.71 -14.07 6.71
CA ALA A 81 -12.30 -12.67 6.86
C ALA A 81 -11.13 -12.36 5.94
N ALA A 82 -10.22 -13.27 5.79
CA ALA A 82 -9.10 -13.06 4.88
C ALA A 82 -9.51 -13.04 3.42
N LYS A 83 -10.41 -13.92 3.04
CA LYS A 83 -10.91 -13.92 1.69
C LYS A 83 -11.60 -12.61 1.37
N ARG A 84 -12.34 -12.09 2.32
CA ARG A 84 -13.03 -10.81 2.12
C ARG A 84 -12.01 -9.68 1.90
N VAL A 85 -10.96 -9.64 2.73
CA VAL A 85 -9.96 -8.57 2.58
C VAL A 85 -9.22 -8.76 1.26
N SER A 86 -8.79 -9.98 0.97
CA SER A 86 -8.08 -10.22 -0.28
C SER A 86 -8.91 -9.80 -1.49
N SER A 87 -10.20 -10.08 -1.46
CA SER A 87 -11.05 -9.83 -2.61
C SER A 87 -11.25 -8.33 -2.89
N THR A 88 -11.06 -7.46 -1.88
CA THR A 88 -11.18 -6.04 -2.11
C THR A 88 -10.19 -5.57 -3.18
N PHE A 89 -9.05 -6.26 -3.32
CA PHE A 89 -8.02 -5.87 -4.27
C PHE A 89 -8.47 -6.12 -5.70
N ASP A 90 -9.49 -6.99 -5.91
CA ASP A 90 -9.80 -7.33 -7.28
C ASP A 90 -10.23 -6.13 -8.07
N GLY A 91 -11.03 -5.23 -7.48
CA GLY A 91 -11.47 -4.06 -8.25
C GLY A 91 -10.39 -3.08 -8.49
N LEU A 92 -9.32 -3.14 -7.67
CA LEU A 92 -8.20 -2.20 -7.90
C LEU A 92 -7.39 -2.59 -9.08
N TYR A 93 -7.43 -3.86 -9.53
CA TYR A 93 -6.70 -4.22 -10.74
C TYR A 93 -7.20 -3.34 -11.90
N ASP A 94 -8.54 -3.24 -12.14
CA ASP A 94 -9.03 -2.37 -13.23
C ASP A 94 -8.65 -0.93 -12.97
N ALA A 95 -8.69 -0.48 -11.70
CA ALA A 95 -8.31 0.90 -11.44
C ALA A 95 -6.85 1.16 -11.88
N ILE A 96 -5.95 0.22 -11.61
CA ILE A 96 -4.55 0.35 -12.05
C ILE A 96 -4.47 0.24 -13.56
N GLN A 97 -5.18 -0.71 -14.18
CA GLN A 97 -5.09 -0.88 -15.62
C GLN A 97 -5.49 0.38 -16.37
N GLN A 98 -6.53 1.07 -15.89
CA GLN A 98 -7.03 2.25 -16.55
C GLN A 98 -6.23 3.48 -16.21
N GLY A 99 -5.23 3.40 -15.30
CA GLY A 99 -4.46 4.53 -14.85
C GLY A 99 -5.24 5.46 -13.95
N TYR A 100 -6.20 4.92 -13.21
CA TYR A 100 -7.08 5.72 -12.35
C TYR A 100 -6.67 5.74 -10.87
N LEU A 101 -5.89 4.76 -10.39
CA LEU A 101 -5.57 4.68 -8.97
C LEU A 101 -4.35 5.55 -8.65
N ARG A 102 -4.54 6.57 -7.82
CA ARG A 102 -3.42 7.41 -7.39
C ARG A 102 -2.84 6.91 -6.07
N GLU A 103 -3.69 6.55 -5.11
CA GLU A 103 -3.19 6.13 -3.79
C GLU A 103 -4.12 5.10 -3.22
N PHE A 104 -3.53 4.06 -2.65
CA PHE A 104 -4.21 3.06 -1.82
C PHE A 104 -3.64 3.18 -0.42
N ALA A 105 -4.49 3.42 0.59
CA ALA A 105 -4.04 3.60 1.95
C ALA A 105 -4.79 2.69 2.90
N ILE A 106 -4.03 2.18 3.87
CA ILE A 106 -4.57 1.41 4.98
C ILE A 106 -4.58 2.36 6.16
N VAL A 107 -5.76 2.67 6.72
CA VAL A 107 -5.86 3.58 7.86
C VAL A 107 -6.40 2.89 9.10
N PHE A 108 -5.80 3.16 10.24
CA PHE A 108 -6.16 2.59 11.53
C PHE A 108 -6.71 3.72 12.39
N TYR A 109 -7.84 3.47 13.03
CA TYR A 109 -8.54 4.47 13.82
C TYR A 109 -9.33 3.76 14.90
N LYS A 110 -10.07 4.54 15.71
CA LYS A 110 -11.01 3.98 16.67
C LYS A 110 -12.38 4.55 16.42
N LYS A 111 -13.37 3.66 16.26
CA LYS A 111 -14.75 4.07 16.12
C LYS A 111 -15.11 4.78 17.40
N PRO A 112 -15.86 5.84 17.33
CA PRO A 112 -16.65 6.23 16.15
C PRO A 112 -15.97 7.29 15.33
N ASN A 113 -14.70 7.60 15.55
CA ASN A 113 -14.13 8.80 14.94
C ASN A 113 -13.28 8.39 13.74
N GLU A 114 -13.93 8.22 12.59
CA GLU A 114 -13.29 7.70 11.41
C GLU A 114 -12.34 8.68 10.79
N GLU A 115 -12.37 9.92 11.23
CA GLU A 115 -11.45 10.96 10.76
C GLU A 115 -10.15 11.03 11.54
N ASP A 116 -10.10 10.45 12.73
CA ASP A 116 -8.95 10.62 13.63
C ASP A 116 -8.04 9.43 13.36
N ILE A 117 -7.04 9.65 12.48
CA ILE A 117 -6.22 8.57 11.98
C ILE A 117 -5.04 8.39 12.91
N ASN A 118 -4.98 7.24 13.53
CA ASN A 118 -3.87 6.98 14.44
C ASN A 118 -2.64 6.48 13.70
N GLU A 119 -2.83 5.83 12.55
CA GLU A 119 -1.74 5.23 11.84
C GLU A 119 -2.21 5.01 10.39
N VAL A 120 -1.30 5.21 9.43
CA VAL A 120 -1.59 4.94 8.04
C VAL A 120 -0.37 4.38 7.34
N PHE A 121 -0.60 3.46 6.44
CA PHE A 121 0.38 2.98 5.46
C PHE A 121 -0.20 3.32 4.07
N ALA A 122 0.47 4.18 3.32
CA ALA A 122 -0.02 4.67 2.04
C ALA A 122 0.88 4.20 0.90
N PHE A 123 0.26 3.89 -0.20
CA PHE A 123 0.90 3.40 -1.42
C PHE A 123 0.51 4.34 -2.54
N ARG A 124 1.43 5.19 -2.96
CA ARG A 124 1.18 6.20 -3.98
C ARG A 124 1.75 5.77 -5.32
N PHE A 125 1.00 5.95 -6.39
CA PHE A 125 1.31 5.44 -7.70
C PHE A 125 1.68 6.57 -8.64
N ALA A 126 2.65 6.30 -9.50
CA ALA A 126 2.95 7.15 -10.64
C ALA A 126 2.98 6.25 -11.87
N TYR A 127 2.36 6.72 -12.95
CA TYR A 127 2.21 5.94 -14.17
C TYR A 127 3.15 6.46 -15.24
N GLY A 128 3.72 5.52 -15.93
CA GLY A 128 4.67 5.77 -16.99
C GLY A 128 5.65 6.84 -16.58
N ASP A 129 5.85 7.79 -17.49
CA ASP A 129 6.61 8.99 -17.17
C ASP A 129 5.63 10.16 -17.07
N GLU A 130 4.88 10.18 -15.96
CA GLU A 130 3.74 11.08 -15.85
C GLU A 130 4.19 12.52 -15.83
N GLY A 131 5.40 12.79 -15.39
CA GLY A 131 5.83 14.16 -15.30
C GLY A 131 5.70 14.62 -13.87
N GLU A 132 4.82 15.55 -13.58
CA GLU A 132 4.65 15.95 -12.20
C GLU A 132 3.22 15.66 -11.73
N ILE A 133 3.09 15.48 -10.43
CA ILE A 133 1.82 15.08 -9.79
C ILE A 133 1.49 16.17 -8.77
N PHE A 134 0.24 16.58 -8.72
CA PHE A 134 -0.25 17.56 -7.75
C PHE A 134 0.03 17.04 -6.34
N VAL A 135 0.52 17.94 -5.47
CA VAL A 135 0.63 17.72 -4.04
C VAL A 135 -0.61 18.23 -3.33
N SER A 136 -1.29 17.35 -2.64
CA SER A 136 -2.53 17.74 -2.04
C SER A 136 -2.28 18.75 -0.92
N LEU A 137 -3.12 19.74 -0.80
CA LEU A 137 -2.93 20.71 0.26
C LEU A 137 -3.67 20.43 1.55
N ASN A 138 -4.75 19.61 1.51
CA ASN A 138 -5.61 19.50 2.68
C ASN A 138 -5.86 18.08 3.14
N ASN A 139 -5.38 17.07 2.46
CA ASN A 139 -5.53 15.71 2.96
C ASN A 139 -4.32 14.88 2.58
N GLY A 140 -4.35 13.64 2.99
CA GLY A 140 -3.30 12.70 2.66
C GLY A 140 -2.01 12.89 3.45
N ILE A 141 -1.03 12.18 2.96
CA ILE A 141 0.31 12.08 3.53
C ILE A 141 1.39 12.68 2.63
N ASP A 142 1.07 12.91 1.37
CA ASP A 142 2.09 13.37 0.43
C ASP A 142 2.57 14.79 0.71
N THR A 143 3.85 14.99 0.36
CA THR A 143 4.53 16.27 0.56
C THR A 143 5.32 16.61 -0.70
N ASN A 144 5.84 17.84 -0.74
CA ASN A 144 6.69 18.19 -1.86
C ASN A 144 7.86 17.25 -1.99
N GLU A 145 8.49 16.92 -0.85
CA GLU A 145 9.63 16.01 -0.82
C GLU A 145 9.21 14.63 -1.31
N SER A 146 8.06 14.10 -0.84
CA SER A 146 7.71 12.75 -1.26
C SER A 146 7.40 12.73 -2.75
N SER A 147 6.76 13.76 -3.26
CA SER A 147 6.41 13.74 -4.65
C SER A 147 7.66 13.89 -5.50
N GLN A 148 8.68 14.64 -5.08
CA GLN A 148 9.94 14.68 -5.82
C GLN A 148 10.65 13.33 -5.87
N GLU A 149 10.63 12.59 -4.76
CA GLU A 149 11.24 11.29 -4.71
C GLU A 149 10.54 10.33 -5.69
N LEU A 150 9.20 10.42 -5.75
CA LEU A 150 8.45 9.52 -6.64
C LEU A 150 8.75 9.86 -8.08
N LEU A 151 8.81 11.15 -8.41
CA LEU A 151 9.18 11.57 -9.75
C LEU A 151 10.57 11.11 -10.15
N GLN A 152 11.51 11.15 -9.22
CA GLN A 152 12.88 10.82 -9.59
C GLN A 152 13.16 9.34 -9.68
N ALA A 153 12.31 8.49 -9.08
CA ALA A 153 12.56 7.07 -9.14
C ALA A 153 12.38 6.60 -10.59
N LYS A 154 13.14 5.61 -10.98
CA LYS A 154 13.05 5.07 -12.33
C LYS A 154 13.19 3.58 -12.39
N PHE A 155 12.46 2.93 -13.31
CA PHE A 155 12.70 1.54 -13.62
C PHE A 155 14.10 1.33 -14.14
N VAL A 156 14.75 0.25 -13.71
CA VAL A 156 16.10 -0.10 -14.16
C VAL A 156 16.04 -1.46 -14.87
N ASP A 157 15.67 -2.52 -14.15
CA ASP A 157 15.48 -3.85 -14.74
C ASP A 157 14.78 -4.73 -13.71
N THR A 158 14.36 -5.93 -14.14
CA THR A 158 13.58 -6.75 -13.23
C THR A 158 14.38 -7.18 -12.01
N ASP A 159 15.63 -7.60 -12.18
CA ASP A 159 16.43 -8.04 -11.04
C ASP A 159 16.58 -6.90 -10.05
N ASN A 160 16.77 -5.67 -10.55
CA ASN A 160 16.89 -4.54 -9.65
C ASN A 160 15.63 -4.33 -8.82
N THR A 161 14.47 -4.52 -9.44
CA THR A 161 13.19 -4.47 -8.69
C THR A 161 13.06 -5.60 -7.70
N LYS A 162 13.58 -6.79 -8.02
CA LYS A 162 13.60 -7.84 -7.00
C LYS A 162 14.40 -7.35 -5.77
N GLN A 163 15.56 -6.73 -5.99
CA GLN A 163 16.39 -6.25 -4.90
C GLN A 163 15.74 -5.09 -4.15
N MET A 164 15.07 -4.18 -4.86
CA MET A 164 14.44 -3.05 -4.20
C MET A 164 13.21 -3.52 -3.42
N PHE A 165 12.48 -4.52 -3.94
CA PHE A 165 11.41 -5.11 -3.14
C PHE A 165 11.95 -5.63 -1.82
N ALA A 166 13.04 -6.42 -1.87
CA ALA A 166 13.60 -6.96 -0.65
C ALA A 166 14.01 -5.83 0.31
N SER A 167 14.68 -4.81 -0.23
CA SER A 167 15.12 -3.70 0.63
C SER A 167 13.96 -3.01 1.29
N THR A 168 12.86 -2.83 0.55
CA THR A 168 11.68 -2.14 1.04
C THR A 168 10.94 -2.92 2.09
N ILE A 169 10.76 -4.24 1.87
CA ILE A 169 10.12 -5.06 2.88
C ILE A 169 10.97 -5.08 4.16
N LYS A 170 12.32 -5.18 4.02
CA LYS A 170 13.16 -5.12 5.20
C LYS A 170 12.98 -3.80 5.94
N LYS A 171 12.86 -2.69 5.20
CA LYS A 171 12.70 -1.41 5.89
C LYS A 171 11.32 -1.33 6.56
N LEU A 172 10.28 -1.88 5.91
CA LEU A 172 8.97 -1.93 6.51
C LEU A 172 9.00 -2.73 7.79
N HIS A 173 9.67 -3.88 7.78
CA HIS A 173 9.83 -4.66 8.98
C HIS A 173 10.53 -3.87 10.08
N ARG A 174 11.60 -3.16 9.76
CA ARG A 174 12.31 -2.40 10.80
C ARG A 174 11.46 -1.27 11.34
N CYS A 175 10.70 -0.60 10.47
CA CYS A 175 9.81 0.45 10.95
C CYS A 175 8.77 -0.12 11.92
N ILE A 176 8.11 -1.21 11.53
CA ILE A 176 7.06 -1.74 12.39
C ILE A 176 7.65 -2.21 13.73
N LYS A 177 8.88 -2.77 13.72
CA LYS A 177 9.50 -3.14 15.00
C LYS A 177 9.65 -1.94 15.92
N LYS A 178 9.80 -0.72 15.40
CA LYS A 178 9.93 0.46 16.26
C LYS A 178 8.60 1.04 16.74
N MET A 179 7.50 0.47 16.33
CA MET A 179 6.20 1.02 16.67
C MET A 179 5.69 0.37 17.95
N GLU A 180 5.06 1.18 18.77
CA GLU A 180 4.29 0.65 19.88
C GLU A 180 3.05 -0.06 19.38
N PRO A 181 2.41 -0.90 20.21
CA PRO A 181 1.25 -1.66 19.69
C PRO A 181 0.07 -0.76 19.42
N LEU A 182 -0.74 -1.12 18.40
CA LEU A 182 -2.02 -0.42 18.23
C LEU A 182 -2.91 -0.52 19.48
N PRO A 183 -3.68 0.50 19.76
CA PRO A 183 -4.69 0.35 20.82
C PRO A 183 -5.60 -0.86 20.60
N GLN A 184 -5.89 -1.57 21.69
CA GLN A 184 -6.85 -2.67 21.65
C GLN A 184 -8.13 -2.29 20.90
N GLY A 185 -8.56 -3.21 20.03
CA GLY A 185 -9.78 -3.04 19.28
C GLY A 185 -9.70 -1.96 18.22
N SER A 186 -8.54 -1.68 17.67
CA SER A 186 -8.49 -0.73 16.58
C SER A 186 -9.32 -1.23 15.42
N ASP A 187 -9.83 -0.27 14.69
CA ASP A 187 -10.55 -0.45 13.45
C ASP A 187 -9.60 -0.10 12.30
N ALA A 188 -9.92 -0.61 11.12
CA ALA A 188 -9.16 -0.38 9.92
C ALA A 188 -10.08 -0.24 8.74
N SER A 189 -9.68 0.61 7.79
CA SER A 189 -10.35 0.76 6.52
C SER A 189 -9.31 0.88 5.43
N PHE A 190 -9.72 0.57 4.21
CA PHE A 190 -8.92 0.86 3.03
C PHE A 190 -9.54 2.09 2.33
N ARG A 191 -8.69 3.04 1.94
CA ARG A 191 -9.13 4.26 1.29
C ARG A 191 -8.34 4.47 0.02
N VAL A 192 -8.97 4.96 -1.01
CA VAL A 192 -8.30 5.17 -2.29
C VAL A 192 -8.61 6.54 -2.86
N SER A 193 -7.62 7.12 -3.53
CA SER A 193 -7.80 8.34 -4.30
C SER A 193 -7.38 8.09 -5.74
N TYR A 194 -7.81 8.99 -6.62
CA TYR A 194 -7.70 8.73 -8.05
C TYR A 194 -6.89 9.81 -8.78
N THR A 195 -6.46 9.47 -9.97
CA THR A 195 -5.75 10.41 -10.85
C THR A 195 -6.78 11.28 -11.55
N GLU A 196 -6.26 12.31 -12.23
CA GLU A 196 -7.19 13.17 -12.94
C GLU A 196 -7.82 12.51 -14.14
N LYS A 197 -7.38 11.32 -14.56
CA LYS A 197 -8.03 10.62 -15.65
C LYS A 197 -9.35 10.00 -15.24
N ALA A 198 -9.54 9.73 -13.94
CA ALA A 198 -10.71 8.97 -13.55
C ALA A 198 -11.98 9.79 -13.69
N PRO A 199 -13.07 9.16 -14.15
CA PRO A 199 -14.36 9.86 -14.24
C PRO A 199 -14.85 10.31 -12.88
N LYS A 200 -15.76 11.30 -12.90
CA LYS A 200 -16.06 12.08 -11.71
C LYS A 200 -16.65 11.22 -10.59
N ASP A 201 -17.40 10.19 -10.92
CA ASP A 201 -17.98 9.38 -9.87
C ASP A 201 -17.41 7.96 -9.90
N TYR A 202 -16.18 7.86 -10.37
CA TYR A 202 -15.51 6.57 -10.48
C TYR A 202 -15.49 5.82 -9.15
N THR A 203 -15.83 4.54 -9.19
CA THR A 203 -15.83 3.65 -8.03
C THR A 203 -15.37 2.29 -8.49
N PRO A 204 -14.18 1.83 -8.02
CA PRO A 204 -13.78 0.45 -8.30
C PRO A 204 -14.80 -0.52 -7.72
N GLU A 205 -14.92 -1.68 -8.36
CA GLU A 205 -15.72 -2.70 -7.78
C GLU A 205 -15.24 -3.01 -6.37
N GLY A 206 -16.21 -3.13 -5.46
CA GLY A 206 -15.87 -3.49 -4.11
C GLY A 206 -15.64 -2.28 -3.16
N TYR A 207 -15.55 -1.10 -3.70
CA TYR A 207 -15.38 0.12 -2.94
C TYR A 207 -16.64 0.93 -2.99
N LEU A 208 -16.75 1.85 -2.10
CA LEU A 208 -17.85 2.80 -2.00
C LEU A 208 -17.41 4.22 -2.29
N LEU A 209 -18.21 4.96 -3.01
CA LEU A 209 -17.90 6.33 -3.33
C LEU A 209 -18.01 7.25 -2.12
N SER A 210 -17.01 8.10 -1.90
CA SER A 210 -16.99 8.93 -0.72
C SER A 210 -16.39 10.29 -1.06
N PRO A 211 -16.90 11.35 -0.44
CA PRO A 211 -16.22 12.67 -0.52
C PRO A 211 -15.02 12.80 0.39
N MET A 212 -14.77 11.83 1.22
CA MET A 212 -13.71 11.89 2.24
C MET A 212 -12.59 10.93 1.92
N PHE A 213 -11.37 11.36 2.19
CA PHE A 213 -10.16 10.56 2.11
C PHE A 213 -9.67 10.38 3.55
N TYR A 214 -8.45 10.83 3.89
CA TYR A 214 -8.02 10.96 5.28
C TYR A 214 -7.13 12.15 5.39
N THR A 215 -7.10 12.71 6.60
CA THR A 215 -6.25 13.83 6.92
C THR A 215 -5.46 13.45 8.16
N LEU A 216 -4.24 13.97 8.25
CA LEU A 216 -3.35 13.69 9.37
C LEU A 216 -3.04 14.92 10.20
N ASN A 217 -2.83 14.69 11.50
CA ASN A 217 -2.41 15.77 12.39
C ASN A 217 -1.04 16.29 11.98
N GLN A 218 -0.86 17.57 12.23
CA GLN A 218 0.34 18.22 11.75
C GLN A 218 1.57 17.58 12.39
N ASP A 219 1.46 17.13 13.65
CA ASP A 219 2.60 16.65 14.39
C ASP A 219 2.81 15.14 14.28
N ILE A 220 2.09 14.44 13.40
CA ILE A 220 2.25 12.99 13.41
C ILE A 220 3.65 12.65 12.93
N ARG A 221 4.22 11.58 13.48
CA ARG A 221 5.50 11.10 12.99
C ARG A 221 5.32 10.33 11.70
N LYS A 222 6.28 10.46 10.81
CA LYS A 222 6.20 9.95 9.45
C LYS A 222 7.43 9.12 9.15
N ALA A 223 7.29 8.22 8.19
CA ALA A 223 8.38 7.39 7.72
C ALA A 223 8.23 7.17 6.21
N SER A 224 9.33 7.21 5.51
CA SER A 224 9.38 6.93 4.07
C SER A 224 9.99 5.53 3.93
N ILE A 225 9.24 4.56 3.42
CA ILE A 225 9.70 3.17 3.45
C ILE A 225 10.40 2.75 2.16
N GLY A 226 9.99 3.24 1.02
CA GLY A 226 10.70 2.98 -0.23
C GLY A 226 9.76 2.98 -1.40
N ILE A 227 10.33 3.02 -2.58
CA ILE A 227 9.65 3.02 -3.86
C ILE A 227 10.05 1.80 -4.65
N VAL A 228 9.08 1.00 -5.11
CA VAL A 228 9.35 -0.11 -6.00
C VAL A 228 8.77 0.21 -7.35
N CYS A 229 9.46 -0.20 -8.42
CA CYS A 229 9.04 0.15 -9.77
C CYS A 229 8.90 -1.05 -10.69
N GLY A 230 7.75 -1.13 -11.34
CA GLY A 230 7.70 -1.84 -12.59
C GLY A 230 8.02 -0.92 -13.71
N GLY A 231 7.97 -1.42 -14.96
CA GLY A 231 8.30 -0.56 -16.08
C GLY A 231 7.36 0.59 -16.32
N HIS A 232 6.12 0.47 -15.85
CA HIS A 232 5.08 1.43 -16.17
C HIS A 232 4.38 1.92 -14.92
N HIS A 233 4.82 1.49 -13.73
CA HIS A 233 4.17 1.86 -12.48
C HIS A 233 5.22 2.00 -11.41
N LYS A 234 5.21 3.08 -10.68
CA LYS A 234 6.06 3.27 -9.53
C LYS A 234 5.15 3.35 -8.29
N ILE A 235 5.50 2.62 -7.25
CA ILE A 235 4.66 2.53 -6.04
C ILE A 235 5.50 2.95 -4.84
N GLN A 236 5.16 4.06 -4.26
CA GLN A 236 5.85 4.65 -3.10
C GLN A 236 5.13 4.34 -1.81
N MET A 237 5.82 3.83 -0.82
CA MET A 237 5.20 3.53 0.46
C MET A 237 5.61 4.53 1.50
N LEU A 238 4.64 5.19 2.09
CA LEU A 238 4.80 6.21 3.12
C LEU A 238 3.98 5.80 4.34
N ALA A 239 4.50 5.99 5.53
CA ALA A 239 3.74 5.65 6.74
C ALA A 239 3.68 6.87 7.67
N ALA A 240 2.67 6.89 8.51
CA ALA A 240 2.57 7.88 9.58
C ALA A 240 1.94 7.21 10.78
N SER A 241 2.39 7.52 11.98
CA SER A 241 1.80 6.83 13.12
C SER A 241 1.98 7.62 14.40
N GLN A 242 0.95 7.66 15.22
CA GLN A 242 1.10 8.06 16.63
C GLN A 242 1.93 7.11 17.47
N TYR A 243 2.24 5.94 16.93
CA TYR A 243 2.92 4.89 17.68
C TYR A 243 4.39 4.74 17.31
N LEU A 244 4.86 5.56 16.42
CA LEU A 244 6.28 5.72 16.25
C LEU A 244 6.80 6.75 17.25
N LYS A 245 7.91 6.48 17.93
CA LYS A 245 8.44 7.47 18.88
C LYS A 245 8.89 8.75 18.17
N GLN A 246 9.65 8.60 17.07
CA GLN A 246 10.17 9.71 16.27
C GLN A 246 10.04 9.37 14.79
N ASP A 247 10.06 10.38 13.93
CA ASP A 247 10.12 10.12 12.48
C ASP A 247 11.09 8.98 12.18
N PHE A 248 10.79 8.16 11.19
CA PHE A 248 11.64 6.99 10.95
C PHE A 248 12.41 7.17 9.64
N PRO A 258 12.80 -12.17 12.78
CA PRO A 258 13.49 -11.82 11.54
C PRO A 258 12.68 -12.30 10.36
N ASN A 259 12.73 -11.58 9.25
CA ASN A 259 12.17 -12.08 8.00
C ASN A 259 13.23 -12.65 7.06
N MET A 260 14.33 -13.17 7.57
CA MET A 260 15.22 -13.90 6.70
C MET A 260 14.79 -15.36 6.68
N SER A 261 14.67 -15.94 5.48
CA SER A 261 14.25 -17.35 5.40
C SER A 261 15.23 -18.21 6.19
N PRO A 278 -14.37 12.72 -4.40
CA PRO A 278 -14.05 11.71 -5.41
C PRO A 278 -13.03 10.72 -4.87
N TYR A 279 -13.37 10.00 -3.82
CA TYR A 279 -12.51 9.00 -3.22
C TYR A 279 -13.28 7.68 -3.09
N GLY A 280 -12.58 6.61 -2.68
CA GLY A 280 -13.23 5.34 -2.44
C GLY A 280 -12.92 4.85 -1.05
N LEU A 281 -13.85 4.07 -0.51
CA LEU A 281 -13.70 3.44 0.81
C LEU A 281 -14.11 1.97 0.80
N SER A 282 -13.32 1.13 1.44
CA SER A 282 -13.69 -0.25 1.70
C SER A 282 -13.63 -0.43 3.20
N GLN A 283 -14.75 -0.88 3.74
CA GLN A 283 -14.77 -1.45 5.10
C GLN A 283 -14.72 -2.96 5.11
N GLY A 284 -13.98 -3.52 4.19
CA GLY A 284 -13.87 -4.99 4.16
C GLY A 284 -13.07 -5.65 5.28
N ILE A 285 -12.50 -4.88 6.21
CA ILE A 285 -11.57 -5.43 7.17
C ILE A 285 -12.18 -5.90 8.45
#